data_9BJY
#
_entry.id   9BJY
#
_cell.length_a   75.280
_cell.length_b   75.280
_cell.length_c   279.505
_cell.angle_alpha   90.000
_cell.angle_beta   90.000
_cell.angle_gamma   120.000
#
_symmetry.space_group_name_H-M   'H 3 2'
#
loop_
_entity.id
_entity.type
_entity.pdbx_description
1 polymer 'RidA family protein'
2 non-polymer 'SULFATE ION'
3 non-polymer 'trimethylamine oxide'
4 water water
#
_entity_poly.entity_id   1
_entity_poly.type   'polypeptide(L)'
_entity_poly.pdbx_seq_one_letter_code
;EPTRIATNDRLSAAVCFDALVFLSGQVPGQAEDIHGQTREVLAKIDALLAEAGSRKERILSATIYLKDIARDFAALNEVW
TQWLPTGQAPSRTTVQAELARPSVLVEITVVAARG
;
_entity_poly.pdbx_strand_id   B,A
#
loop_
_chem_comp.id
_chem_comp.type
_chem_comp.name
_chem_comp.formula
SO4 non-polymer 'SULFATE ION' 'O4 S -2'
TMO non-polymer 'trimethylamine oxide' 'C3 H9 N O'
#
# COMPACT_ATOMS: atom_id res chain seq x y z
N GLU A 1 14.15 -22.96 21.62
CA GLU A 1 13.48 -22.95 20.34
C GLU A 1 14.31 -22.62 19.09
N PRO A 2 15.61 -22.36 19.23
CA PRO A 2 16.43 -22.21 18.03
C PRO A 2 16.57 -23.50 17.27
N THR A 3 16.67 -23.38 15.95
CA THR A 3 17.00 -24.52 15.10
C THR A 3 18.36 -24.23 14.48
N ARG A 4 19.14 -25.28 14.23
CA ARG A 4 20.49 -25.09 13.74
C ARG A 4 20.69 -25.84 12.44
N ILE A 5 21.54 -25.29 11.59
CA ILE A 5 21.87 -25.87 10.29
C ILE A 5 23.37 -26.05 10.18
N ALA A 6 23.79 -27.27 9.85
CA ALA A 6 25.18 -27.63 9.59
C ALA A 6 26.06 -27.20 10.76
N THR A 7 25.97 -27.97 11.84
CA THR A 7 26.62 -27.67 13.10
C THR A 7 27.87 -28.52 13.25
N ASN A 8 28.94 -27.89 13.74
CA ASN A 8 30.11 -28.61 14.22
C ASN A 8 30.50 -27.99 15.56
N ASP A 9 31.68 -28.35 16.07
CA ASP A 9 32.02 -27.92 17.42
C ASP A 9 32.53 -26.49 17.48
N ARG A 10 32.59 -25.80 16.34
CA ARG A 10 32.96 -24.38 16.29
C ARG A 10 31.79 -23.48 15.98
N LEU A 11 30.89 -23.89 15.10
CA LEU A 11 29.81 -23.01 14.67
C LEU A 11 28.71 -23.83 14.02
N SER A 12 27.53 -23.21 13.94
CA SER A 12 26.50 -23.66 13.02
C SER A 12 26.49 -22.71 11.84
N ALA A 13 26.37 -23.26 10.63
CA ALA A 13 26.33 -22.37 9.46
C ALA A 13 25.17 -21.38 9.55
N ALA A 14 24.04 -21.83 10.08
CA ALA A 14 22.90 -20.96 10.34
C ALA A 14 22.21 -21.35 11.63
N VAL A 15 21.64 -20.35 12.31
CA VAL A 15 20.73 -20.55 13.42
C VAL A 15 19.43 -19.81 13.10
N CYS A 16 18.30 -20.50 13.24
CA CYS A 16 16.98 -19.96 12.96
C CYS A 16 16.23 -19.79 14.26
N PHE A 17 15.55 -18.66 14.42
CA PHE A 17 14.76 -18.40 15.62
C PHE A 17 13.68 -17.36 15.32
N ASP A 18 12.43 -17.69 15.58
CA ASP A 18 11.32 -16.73 15.42
C ASP A 18 11.39 -15.88 14.14
N ALA A 19 11.34 -16.55 13.02
CA ALA A 19 11.31 -15.94 11.69
C ALA A 19 12.58 -15.21 11.30
N LEU A 20 13.62 -15.29 12.12
CA LEU A 20 14.91 -14.75 11.74
C LEU A 20 15.89 -15.89 11.44
N VAL A 21 16.81 -15.61 10.53
CA VAL A 21 17.90 -16.51 10.20
C VAL A 21 19.22 -15.78 10.39
N PHE A 22 20.10 -16.36 11.19
CA PHE A 22 21.42 -15.81 11.47
C PHE A 22 22.47 -16.72 10.79
N LEU A 23 23.16 -16.18 9.79
CA LEU A 23 24.19 -16.95 9.09
C LEU A 23 25.57 -16.64 9.65
N SER A 24 26.38 -17.68 9.78
CA SER A 24 27.80 -17.48 10.04
C SER A 24 28.43 -16.71 8.90
N GLY A 25 29.48 -15.96 9.20
CA GLY A 25 30.23 -15.29 8.16
C GLY A 25 30.69 -16.29 7.11
N GLN A 26 30.43 -16.00 5.85
CA GLN A 26 30.73 -16.91 4.75
C GLN A 26 32.01 -16.46 4.05
N VAL A 27 32.86 -17.43 3.71
CA VAL A 27 34.17 -17.19 3.13
C VAL A 27 34.18 -17.84 1.74
N PRO A 28 35.15 -17.47 0.91
CA PRO A 28 35.16 -17.98 -0.47
C PRO A 28 35.53 -19.46 -0.50
N GLY A 29 35.39 -20.02 -1.71
CA GLY A 29 35.88 -21.35 -1.99
C GLY A 29 37.35 -21.28 -2.36
N GLN A 30 37.71 -21.79 -3.52
CA GLN A 30 39.10 -21.80 -3.94
C GLN A 30 39.49 -20.61 -4.81
N ALA A 31 38.57 -19.69 -5.08
CA ALA A 31 38.94 -18.54 -5.91
C ALA A 31 40.05 -17.76 -5.23
N GLU A 32 40.96 -17.20 -6.03
CA GLU A 32 42.10 -16.50 -5.44
C GLU A 32 42.03 -14.98 -5.53
N ASP A 33 41.17 -14.46 -6.40
CA ASP A 33 40.98 -13.05 -6.75
C ASP A 33 39.71 -12.50 -6.11
N ILE A 34 39.66 -11.16 -5.94
CA ILE A 34 38.51 -10.56 -5.23
C ILE A 34 37.19 -10.80 -5.98
N HIS A 35 37.16 -10.68 -7.31
CA HIS A 35 35.90 -10.86 -8.02
C HIS A 35 35.37 -12.28 -7.82
N GLY A 36 36.24 -13.26 -8.02
CA GLY A 36 35.81 -14.63 -7.90
C GLY A 36 35.46 -14.99 -6.48
N GLN A 37 36.23 -14.50 -5.53
CA GLN A 37 35.95 -14.76 -4.12
C GLN A 37 34.61 -14.19 -3.69
N THR A 38 34.30 -12.96 -4.13
CA THR A 38 33.01 -12.38 -3.78
C THR A 38 31.88 -13.21 -4.39
N ARG A 39 32.03 -13.61 -5.67
CA ARG A 39 31.06 -14.49 -6.29
C ARG A 39 30.87 -15.77 -5.48
N GLU A 40 31.94 -16.37 -4.99
CA GLU A 40 31.82 -17.63 -4.26
C GLU A 40 31.16 -17.44 -2.88
N VAL A 41 31.51 -16.36 -2.17
CA VAL A 41 30.83 -16.04 -0.91
C VAL A 41 29.33 -15.91 -1.13
N LEU A 42 28.94 -15.18 -2.18
CA LEU A 42 27.53 -14.93 -2.44
C LEU A 42 26.81 -16.21 -2.84
N ALA A 43 27.50 -17.09 -3.56
CA ALA A 43 26.93 -18.39 -3.87
C ALA A 43 26.67 -19.19 -2.60
N LYS A 44 27.65 -19.19 -1.69
CA LYS A 44 27.46 -19.91 -0.43
C LYS A 44 26.32 -19.32 0.38
N ILE A 45 26.16 -17.99 0.40
CA ILE A 45 25.05 -17.37 1.12
C ILE A 45 23.74 -17.80 0.51
N ASP A 46 23.67 -17.82 -0.83
CA ASP A 46 22.51 -18.28 -1.58
C ASP A 46 22.07 -19.66 -1.15
N ALA A 47 23.03 -20.57 -1.06
CA ALA A 47 22.73 -21.95 -0.69
C ALA A 47 22.30 -22.05 0.77
N LEU A 48 22.96 -21.32 1.67
CA LEU A 48 22.57 -21.39 3.08
C LEU A 48 21.21 -20.76 3.35
N LEU A 49 20.89 -19.63 2.69
CA LEU A 49 19.56 -19.09 2.86
C LEU A 49 18.52 -20.14 2.49
N ALA A 50 18.79 -20.87 1.41
CA ALA A 50 17.86 -21.93 0.99
C ALA A 50 17.66 -22.97 2.10
N GLU A 51 18.76 -23.47 2.67
CA GLU A 51 18.64 -24.50 3.69
C GLU A 51 17.96 -23.98 4.95
N ALA A 52 18.13 -22.70 5.25
CA ALA A 52 17.58 -22.10 6.45
C ALA A 52 16.18 -21.55 6.26
N GLY A 53 15.58 -21.71 5.09
CA GLY A 53 14.21 -21.27 4.89
C GLY A 53 14.02 -19.83 4.49
N SER A 54 15.03 -19.20 3.90
CA SER A 54 14.96 -17.82 3.44
C SER A 54 15.39 -17.80 1.97
N ARG A 55 15.71 -16.60 1.48
CA ARG A 55 16.12 -16.41 0.09
C ARG A 55 16.75 -15.03 -0.03
N LYS A 56 17.38 -14.78 -1.18
CA LYS A 56 18.18 -13.56 -1.34
C LYS A 56 17.32 -12.32 -1.19
N GLU A 57 16.05 -12.39 -1.61
CA GLU A 57 15.13 -11.26 -1.54
C GLU A 57 14.73 -10.90 -0.12
N ARG A 58 15.11 -11.71 0.85
CA ARG A 58 14.69 -11.54 2.24
C ARG A 58 15.86 -11.25 3.17
N ILE A 59 17.00 -10.84 2.62
CA ILE A 59 18.13 -10.46 3.46
C ILE A 59 17.79 -9.15 4.18
N LEU A 60 18.08 -9.11 5.48
CA LEU A 60 17.84 -7.94 6.32
C LEU A 60 19.10 -7.10 6.50
N SER A 61 20.24 -7.74 6.73
CA SER A 61 21.47 -7.02 6.97
C SER A 61 22.64 -7.86 6.49
N ALA A 62 23.70 -7.18 6.06
CA ALA A 62 24.94 -7.84 5.69
C ALA A 62 26.11 -6.98 6.16
N THR A 63 27.02 -7.57 6.93
CA THR A 63 28.31 -6.95 7.21
C THR A 63 29.28 -7.56 6.24
N ILE A 64 29.92 -6.72 5.44
CA ILE A 64 30.90 -7.14 4.45
C ILE A 64 32.27 -6.74 4.97
N TYR A 65 33.11 -7.72 5.19
CA TYR A 65 34.47 -7.53 5.65
C TYR A 65 35.40 -7.70 4.46
N LEU A 66 36.22 -6.69 4.23
CA LEU A 66 37.25 -6.76 3.20
C LEU A 66 38.62 -6.72 3.85
N LYS A 67 39.51 -7.62 3.45
CA LYS A 67 40.88 -7.57 3.92
C LYS A 67 41.54 -6.24 3.59
N ASP A 68 41.27 -5.69 2.40
CA ASP A 68 41.83 -4.41 1.97
C ASP A 68 40.70 -3.61 1.32
N ILE A 69 40.08 -2.73 2.10
CA ILE A 69 38.89 -2.04 1.61
C ILE A 69 39.25 -1.04 0.52
N ALA A 70 40.41 -0.39 0.60
CA ALA A 70 40.76 0.56 -0.46
C ALA A 70 40.98 -0.17 -1.79
N ARG A 71 41.62 -1.32 -1.74
CA ARG A 71 41.98 -2.02 -2.96
C ARG A 71 40.80 -2.70 -3.62
N ASP A 72 39.90 -3.25 -2.82
CA ASP A 72 38.94 -4.25 -3.29
C ASP A 72 37.47 -3.83 -3.21
N PHE A 73 37.16 -2.64 -2.69
CA PHE A 73 35.78 -2.22 -2.56
C PHE A 73 35.09 -2.13 -3.91
N ALA A 74 35.79 -1.60 -4.92
CA ALA A 74 35.14 -1.41 -6.22
C ALA A 74 34.74 -2.76 -6.82
N ALA A 75 35.62 -3.74 -6.73
CA ALA A 75 35.33 -5.08 -7.24
C ALA A 75 34.20 -5.73 -6.44
N LEU A 76 34.28 -5.63 -5.12
CA LEU A 76 33.19 -6.10 -4.28
C LEU A 76 31.86 -5.52 -4.75
N ASN A 77 31.80 -4.20 -4.98
CA ASN A 77 30.54 -3.59 -5.36
C ASN A 77 30.06 -4.07 -6.73
N GLU A 78 30.97 -4.28 -7.68
CA GLU A 78 30.55 -4.79 -8.98
C GLU A 78 29.82 -6.12 -8.83
N VAL A 79 30.40 -7.06 -8.08
CA VAL A 79 29.80 -8.39 -7.98
C VAL A 79 28.53 -8.33 -7.14
N TRP A 80 28.59 -7.59 -6.03
CA TRP A 80 27.44 -7.43 -5.13
C TRP A 80 26.24 -6.85 -5.83
N THR A 81 26.42 -5.74 -6.54
CA THR A 81 25.28 -5.08 -7.15
C THR A 81 24.65 -5.96 -8.23
N GLN A 82 25.48 -6.74 -8.93
CA GLN A 82 24.92 -7.61 -9.97
C GLN A 82 24.18 -8.80 -9.38
N TRP A 83 24.56 -9.22 -8.17
CA TRP A 83 23.97 -10.40 -7.55
C TRP A 83 22.64 -10.13 -6.88
N LEU A 84 22.48 -8.93 -6.34
CA LEU A 84 21.30 -8.67 -5.53
C LEU A 84 20.05 -8.75 -6.40
N PRO A 85 18.96 -9.30 -5.87
CA PRO A 85 17.70 -9.21 -6.59
C PRO A 85 17.31 -7.76 -6.79
N THR A 86 16.81 -7.47 -7.98
CA THR A 86 16.57 -6.09 -8.40
C THR A 86 15.65 -5.37 -7.43
N GLY A 87 16.09 -4.17 -7.01
CA GLY A 87 15.33 -3.32 -6.12
C GLY A 87 15.19 -3.80 -4.70
N GLN A 88 15.93 -4.82 -4.30
CA GLN A 88 15.74 -5.46 -3.01
C GLN A 88 17.06 -5.55 -2.23
N ALA A 89 17.90 -4.53 -2.33
CA ALA A 89 19.14 -4.55 -1.56
C ALA A 89 18.85 -4.52 -0.08
N PRO A 90 19.62 -5.21 0.74
CA PRO A 90 19.46 -5.19 2.20
C PRO A 90 20.19 -3.99 2.81
N SER A 91 20.04 -3.83 4.12
CA SER A 91 20.96 -2.95 4.82
C SER A 91 22.36 -3.57 4.78
N ARG A 92 23.38 -2.72 4.73
CA ARG A 92 24.73 -3.25 4.73
C ARG A 92 25.71 -2.30 5.39
N THR A 93 26.85 -2.86 5.77
CA THR A 93 27.99 -2.16 6.33
C THR A 93 29.22 -2.83 5.73
N THR A 94 30.15 -2.05 5.19
CA THR A 94 31.38 -2.60 4.62
C THR A 94 32.57 -1.99 5.34
N VAL A 95 33.40 -2.84 5.94
CA VAL A 95 34.56 -2.40 6.71
C VAL A 95 35.74 -3.30 6.42
N GLN A 96 36.93 -2.81 6.77
CA GLN A 96 38.15 -3.58 6.64
C GLN A 96 38.44 -4.38 7.91
N ALA A 97 38.82 -5.63 7.69
CA ALA A 97 39.26 -6.53 8.74
C ALA A 97 39.98 -7.68 8.11
N GLU A 98 41.10 -8.08 8.71
CA GLU A 98 41.75 -9.33 8.33
C GLU A 98 40.88 -10.52 8.75
N LEU A 99 40.80 -11.52 7.89
CA LEU A 99 40.00 -12.70 8.15
C LEU A 99 40.92 -13.81 8.67
N ALA A 100 40.31 -14.95 8.99
CA ALA A 100 41.03 -15.95 9.77
C ALA A 100 42.14 -16.62 8.96
N ARG A 101 41.99 -16.67 7.64
CA ARG A 101 43.07 -17.19 6.80
C ARG A 101 43.56 -16.09 5.87
N PRO A 102 44.89 -15.98 5.66
CA PRO A 102 45.42 -14.80 4.94
C PRO A 102 44.99 -14.72 3.48
N SER A 103 44.60 -15.83 2.86
CA SER A 103 44.17 -15.83 1.47
C SER A 103 42.77 -15.25 1.30
N VAL A 104 42.02 -15.08 2.37
CA VAL A 104 40.64 -14.64 2.27
C VAL A 104 40.62 -13.12 2.15
N LEU A 105 40.02 -12.63 1.06
CA LEU A 105 39.91 -11.20 0.81
C LEU A 105 38.57 -10.63 1.23
N VAL A 106 37.54 -11.47 1.41
CA VAL A 106 36.18 -11.01 1.63
C VAL A 106 35.44 -12.06 2.43
N GLU A 107 34.64 -11.59 3.38
CA GLU A 107 33.77 -12.44 4.20
C GLU A 107 32.49 -11.65 4.48
N ILE A 108 31.33 -12.30 4.44
CA ILE A 108 30.05 -11.60 4.56
C ILE A 108 29.17 -12.33 5.56
N THR A 109 28.62 -11.57 6.50
CA THR A 109 27.76 -12.08 7.58
C THR A 109 26.36 -11.52 7.41
N VAL A 110 25.37 -12.42 7.27
CA VAL A 110 24.00 -12.08 6.88
C VAL A 110 23.04 -12.44 7.99
N VAL A 111 22.04 -11.58 8.19
CA VAL A 111 20.81 -11.91 8.92
C VAL A 111 19.69 -11.75 7.91
N ALA A 112 18.76 -12.71 7.89
CA ALA A 112 17.69 -12.73 6.89
C ALA A 112 16.37 -13.12 7.55
N ALA A 113 15.28 -12.90 6.81
CA ALA A 113 13.93 -13.24 7.27
C ALA A 113 13.48 -14.57 6.68
N ARG A 114 12.98 -15.45 7.53
CA ARG A 114 12.44 -16.71 7.04
C ARG A 114 11.27 -16.40 6.13
N GLY A 115 11.11 -17.24 5.09
CA GLY A 115 10.02 -17.08 4.14
C GLY A 115 10.44 -17.30 2.70
N PRO B 2 -40.33 6.55 13.36
CA PRO B 2 -39.54 6.52 12.12
C PRO B 2 -39.23 5.11 11.64
N THR B 3 -39.11 4.94 10.33
CA THR B 3 -38.62 3.71 9.73
C THR B 3 -37.34 4.01 8.94
N ARG B 4 -36.53 2.98 8.75
CA ARG B 4 -35.19 3.14 8.21
C ARG B 4 -34.98 2.25 7.00
N ILE B 5 -34.12 2.74 6.11
CA ILE B 5 -33.70 2.02 4.91
C ILE B 5 -32.18 1.92 4.93
N ALA B 6 -31.66 0.69 4.83
CA ALA B 6 -30.24 0.37 4.72
C ALA B 6 -29.44 0.94 5.89
N THR B 7 -29.52 0.27 7.02
CA THR B 7 -28.93 0.71 8.27
C THR B 7 -27.65 -0.05 8.57
N ASN B 8 -26.63 0.69 9.01
CA ASN B 8 -25.48 0.06 9.65
C ASN B 8 -25.15 0.86 10.91
N ASP B 9 -24.03 0.58 11.55
CA ASP B 9 -23.79 1.18 12.87
C ASP B 9 -23.36 2.64 12.79
N ARG B 10 -23.23 3.19 11.59
CA ARG B 10 -22.88 4.59 11.36
C ARG B 10 -24.03 5.43 10.85
N LEU B 11 -24.87 4.89 9.99
CA LEU B 11 -25.96 5.65 9.41
C LEU B 11 -27.01 4.74 8.81
N SER B 12 -28.18 5.31 8.56
CA SER B 12 -29.17 4.72 7.66
C SER B 12 -29.17 5.54 6.39
N ALA B 13 -29.23 4.88 5.23
CA ALA B 13 -29.27 5.63 3.97
C ALA B 13 -30.50 6.54 3.90
N ALA B 14 -31.62 6.11 4.46
CA ALA B 14 -32.80 6.95 4.54
C ALA B 14 -33.53 6.69 5.85
N VAL B 15 -34.15 7.74 6.37
CA VAL B 15 -35.08 7.65 7.49
C VAL B 15 -36.39 8.26 7.03
N CYS B 16 -37.48 7.52 7.20
CA CYS B 16 -38.82 7.98 6.85
C CYS B 16 -39.60 8.29 8.12
N PHE B 17 -40.33 9.39 8.10
CA PHE B 17 -41.15 9.77 9.25
C PHE B 17 -42.35 10.54 8.73
N ASP B 18 -43.55 10.01 9.02
CA ASP B 18 -44.79 10.54 8.48
C ASP B 18 -44.62 10.72 6.96
N ALA B 19 -44.81 11.92 6.45
CA ALA B 19 -44.73 12.17 5.02
C ALA B 19 -43.37 12.69 4.57
N LEU B 20 -42.37 12.61 5.43
CA LEU B 20 -41.03 13.05 5.07
C LEU B 20 -40.04 11.91 4.94
N VAL B 21 -39.06 12.12 4.05
CA VAL B 21 -37.93 11.23 3.81
C VAL B 21 -36.65 12.05 3.97
N PHE B 22 -35.74 11.59 4.84
CA PHE B 22 -34.43 12.19 5.08
C PHE B 22 -33.37 11.24 4.55
N LEU B 23 -32.62 11.66 3.52
CA LEU B 23 -31.56 10.83 2.97
C LEU B 23 -30.20 11.25 3.52
N SER B 24 -29.37 10.27 3.81
CA SER B 24 -27.97 10.55 4.09
C SER B 24 -27.33 11.19 2.88
N GLY B 25 -26.28 11.99 3.12
CA GLY B 25 -25.51 12.51 2.02
C GLY B 25 -24.98 11.36 1.18
N GLN B 26 -25.19 11.44 -0.11
CA GLN B 26 -24.81 10.39 -1.06
C GLN B 26 -23.53 10.79 -1.77
N VAL B 27 -22.66 9.80 -1.97
CA VAL B 27 -21.32 10.00 -2.49
C VAL B 27 -21.20 9.20 -3.77
N PRO B 28 -20.18 9.49 -4.59
CA PRO B 28 -20.08 8.85 -5.90
C PRO B 28 -19.69 7.38 -5.82
N GLY B 29 -19.78 6.73 -6.98
CA GLY B 29 -19.31 5.37 -7.16
C GLY B 29 -17.84 5.32 -7.51
N GLN B 30 -17.52 4.79 -8.69
CA GLN B 30 -16.14 4.67 -9.12
C GLN B 30 -15.68 5.85 -9.95
N ALA B 31 -16.57 6.80 -10.26
CA ALA B 31 -16.18 7.91 -11.10
C ALA B 31 -15.14 8.76 -10.40
N GLU B 32 -14.19 9.26 -11.20
CA GLU B 32 -13.12 10.11 -10.73
C GLU B 32 -13.32 11.56 -11.15
N ASP B 33 -14.20 11.80 -12.12
CA ASP B 33 -14.43 13.11 -12.69
C ASP B 33 -15.70 13.68 -12.06
N ILE B 34 -15.80 15.00 -12.10
CA ILE B 34 -16.95 15.65 -11.49
C ILE B 34 -18.26 15.26 -12.19
N HIS B 35 -18.24 15.19 -13.53
CA HIS B 35 -19.50 14.88 -14.23
C HIS B 35 -19.99 13.49 -13.84
N GLY B 36 -19.09 12.52 -13.87
CA GLY B 36 -19.48 11.16 -13.54
C GLY B 36 -19.85 11.01 -12.08
N GLN B 37 -19.10 11.68 -11.20
CA GLN B 37 -19.41 11.61 -9.78
C GLN B 37 -20.80 12.20 -9.51
N THR B 38 -21.12 13.32 -10.15
CA THR B 38 -22.44 13.92 -9.95
C THR B 38 -23.54 12.98 -10.44
N ARG B 39 -23.34 12.39 -11.62
CA ARG B 39 -24.31 11.42 -12.13
C ARG B 39 -24.52 10.29 -11.14
N GLU B 40 -23.44 9.77 -10.56
CA GLU B 40 -23.52 8.64 -9.65
C GLU B 40 -24.22 9.02 -8.34
N VAL B 41 -23.91 10.20 -7.80
CA VAL B 41 -24.59 10.67 -6.60
C VAL B 41 -26.08 10.78 -6.83
N LEU B 42 -26.46 11.41 -7.93
CA LEU B 42 -27.89 11.63 -8.19
C LEU B 42 -28.61 10.32 -8.49
N ALA B 43 -27.94 9.37 -9.15
CA ALA B 43 -28.57 8.06 -9.35
C ALA B 43 -28.84 7.38 -8.02
N LYS B 44 -27.88 7.45 -7.10
CA LYS B 44 -28.08 6.88 -5.77
C LYS B 44 -29.27 7.52 -5.07
N ILE B 45 -29.39 8.84 -5.18
CA ILE B 45 -30.52 9.54 -4.55
C ILE B 45 -31.83 9.08 -5.14
N ASP B 46 -31.87 8.95 -6.46
CA ASP B 46 -33.07 8.50 -7.16
C ASP B 46 -33.54 7.15 -6.63
N ALA B 47 -32.63 6.23 -6.44
CA ALA B 47 -33.00 4.89 -5.98
C ALA B 47 -33.51 4.93 -4.55
N LEU B 48 -32.89 5.74 -3.71
CA LEU B 48 -33.32 5.84 -2.31
C LEU B 48 -34.70 6.46 -2.22
N LEU B 49 -34.98 7.48 -3.04
CA LEU B 49 -36.32 8.03 -3.09
C LEU B 49 -37.32 6.98 -3.48
N ALA B 50 -36.97 6.14 -4.46
CA ALA B 50 -37.88 5.07 -4.87
C ALA B 50 -38.20 4.15 -3.71
N GLU B 51 -37.18 3.71 -2.98
CA GLU B 51 -37.39 2.78 -1.88
C GLU B 51 -38.23 3.40 -0.78
N ALA B 52 -38.20 4.72 -0.66
CA ALA B 52 -38.85 5.42 0.44
C ALA B 52 -40.24 5.90 0.10
N GLY B 53 -40.76 5.60 -1.09
CA GLY B 53 -42.08 6.04 -1.47
C GLY B 53 -42.10 7.46 -1.99
N SER B 54 -40.98 7.97 -2.46
CA SER B 54 -40.91 9.31 -2.99
C SER B 54 -40.45 9.23 -4.45
N ARG B 55 -40.08 10.39 -5.00
CA ARG B 55 -39.69 10.48 -6.40
C ARG B 55 -39.03 11.84 -6.58
N LYS B 56 -38.41 12.04 -7.74
CA LYS B 56 -37.67 13.28 -7.93
C LYS B 56 -38.58 14.50 -7.86
N GLU B 57 -39.82 14.36 -8.33
CA GLU B 57 -40.76 15.47 -8.30
C GLU B 57 -41.18 15.86 -6.89
N ARG B 58 -40.81 15.08 -5.87
CA ARG B 58 -41.21 15.36 -4.50
C ARG B 58 -40.03 15.73 -3.63
N ILE B 59 -38.89 16.06 -4.24
CA ILE B 59 -37.77 16.57 -3.45
C ILE B 59 -38.14 17.93 -2.88
N LEU B 60 -37.82 18.14 -1.61
CA LEU B 60 -38.07 19.42 -0.96
C LEU B 60 -36.83 20.29 -0.88
N SER B 61 -35.70 19.69 -0.57
CA SER B 61 -34.46 20.42 -0.40
C SER B 61 -33.28 19.53 -0.75
N ALA B 62 -32.22 20.17 -1.24
CA ALA B 62 -30.94 19.54 -1.51
C ALA B 62 -29.81 20.48 -1.08
N THR B 63 -28.91 20.00 -0.22
CA THR B 63 -27.63 20.67 0.02
C THR B 63 -26.61 19.93 -0.84
N ILE B 64 -25.94 20.69 -1.70
CA ILE B 64 -24.94 20.18 -2.63
C ILE B 64 -23.61 20.67 -2.11
N TYR B 65 -22.74 19.74 -1.74
CA TYR B 65 -21.40 20.05 -1.26
C TYR B 65 -20.41 19.77 -2.37
N LEU B 66 -19.58 20.75 -2.71
CA LEU B 66 -18.49 20.57 -3.66
C LEU B 66 -17.14 20.75 -2.99
N LYS B 67 -16.23 19.82 -3.27
CA LYS B 67 -14.86 19.96 -2.75
C LYS B 67 -14.23 21.25 -3.25
N ASP B 68 -14.51 21.61 -4.49
CA ASP B 68 -13.96 22.83 -5.10
C ASP B 68 -15.07 23.51 -5.88
N ILE B 69 -15.73 24.46 -5.22
CA ILE B 69 -16.92 25.04 -5.83
C ILE B 69 -16.56 25.92 -7.03
N ALA B 70 -15.43 26.62 -6.98
CA ALA B 70 -15.08 27.41 -8.17
C ALA B 70 -14.78 26.52 -9.38
N ARG B 71 -14.09 25.41 -9.16
CA ARG B 71 -13.64 24.56 -10.26
C ARG B 71 -14.80 23.74 -10.86
N ASP B 72 -15.71 23.28 -10.00
CA ASP B 72 -16.63 22.21 -10.36
C ASP B 72 -18.11 22.61 -10.37
N PHE B 73 -18.44 23.86 -10.04
CA PHE B 73 -19.84 24.27 -10.02
C PHE B 73 -20.50 24.14 -11.38
N ALA B 74 -19.81 24.57 -12.45
CA ALA B 74 -20.45 24.55 -13.77
C ALA B 74 -20.81 23.13 -14.17
N ALA B 75 -19.90 22.18 -13.95
CA ALA B 75 -20.16 20.79 -14.30
C ALA B 75 -21.28 20.21 -13.45
N LEU B 76 -21.25 20.51 -12.16
CA LEU B 76 -22.34 20.10 -11.28
C LEU B 76 -23.67 20.53 -11.85
N ASN B 77 -23.78 21.79 -12.25
CA ASN B 77 -25.04 22.33 -12.72
C ASN B 77 -25.47 21.69 -14.03
N GLU B 78 -24.51 21.38 -14.91
CA GLU B 78 -24.86 20.68 -16.16
C GLU B 78 -25.57 19.37 -15.87
N VAL B 79 -25.01 18.55 -14.98
CA VAL B 79 -25.61 17.24 -14.72
C VAL B 79 -26.90 17.40 -13.93
N TRP B 80 -26.87 18.24 -12.88
CA TRP B 80 -28.04 18.50 -12.06
C TRP B 80 -29.24 18.95 -12.88
N THR B 81 -29.07 19.95 -13.76
CA THR B 81 -30.23 20.44 -14.49
C THR B 81 -30.82 19.38 -15.42
N GLN B 82 -29.99 18.50 -15.97
CA GLN B 82 -30.51 17.42 -16.83
C GLN B 82 -31.16 16.29 -16.04
N TRP B 83 -30.81 16.14 -14.75
CA TRP B 83 -31.35 15.09 -13.90
C TRP B 83 -32.72 15.43 -13.35
N LEU B 84 -32.96 16.72 -13.06
CA LEU B 84 -34.18 17.14 -12.41
C LEU B 84 -35.40 16.96 -13.31
N PRO B 85 -36.57 16.71 -12.73
CA PRO B 85 -37.80 16.74 -13.52
C PRO B 85 -38.12 18.14 -14.03
N THR B 86 -38.58 18.21 -15.28
CA THR B 86 -38.80 19.49 -15.93
C THR B 86 -39.76 20.37 -15.15
N GLY B 87 -39.36 21.61 -14.89
CA GLY B 87 -40.20 22.57 -14.21
C GLY B 87 -40.47 22.31 -12.74
N GLN B 88 -39.78 21.34 -12.13
CA GLN B 88 -40.08 20.90 -10.76
C GLN B 88 -38.82 20.85 -9.90
N ALA B 89 -37.93 21.84 -10.08
CA ALA B 89 -36.72 21.90 -9.30
C ALA B 89 -37.01 22.12 -7.82
N PRO B 90 -36.20 21.54 -6.92
CA PRO B 90 -36.40 21.74 -5.48
C PRO B 90 -35.70 22.98 -4.94
N SER B 91 -35.85 23.29 -3.65
CA SER B 91 -34.96 24.25 -3.02
C SER B 91 -33.56 23.64 -2.97
N ARG B 92 -32.55 24.49 -3.11
CA ARG B 92 -31.18 23.97 -3.00
C ARG B 92 -30.25 25.02 -2.42
N THR B 93 -29.10 24.52 -1.94
CA THR B 93 -27.99 25.32 -1.42
C THR B 93 -26.73 24.61 -1.88
N THR B 94 -25.80 25.32 -2.50
CA THR B 94 -24.54 24.73 -2.98
C THR B 94 -23.39 25.46 -2.29
N VAL B 95 -22.56 24.71 -1.58
CA VAL B 95 -21.44 25.29 -0.84
C VAL B 95 -20.21 24.40 -0.97
N GLN B 96 -19.05 24.97 -0.65
CA GLN B 96 -17.82 24.22 -0.65
C GLN B 96 -17.57 23.53 0.68
N ALA B 97 -17.15 22.28 0.61
CA ALA B 97 -16.74 21.53 1.78
C ALA B 97 -15.97 20.32 1.34
N GLU B 98 -14.87 20.03 2.04
CA GLU B 98 -14.20 18.76 1.80
C GLU B 98 -15.05 17.61 2.34
N LEU B 99 -15.09 16.51 1.61
CA LEU B 99 -15.84 15.34 2.00
C LEU B 99 -14.91 14.30 2.66
N ALA B 100 -15.48 13.17 3.08
CA ALA B 100 -14.76 12.27 3.98
C ALA B 100 -13.57 11.60 3.31
N ARG B 101 -13.58 11.48 1.98
CA ARG B 101 -12.48 10.99 1.18
C ARG B 101 -11.99 12.05 0.21
N PRO B 102 -10.67 12.19 0.02
CA PRO B 102 -10.18 13.30 -0.83
C PRO B 102 -10.54 13.12 -2.29
N SER B 103 -10.84 11.90 -2.70
CA SER B 103 -11.25 11.62 -4.08
C SER B 103 -12.69 12.05 -4.37
N VAL B 104 -13.48 12.34 -3.35
CA VAL B 104 -14.88 12.71 -3.53
C VAL B 104 -14.96 14.20 -3.83
N LEU B 105 -15.54 14.53 -4.97
CA LEU B 105 -15.69 15.90 -5.41
C LEU B 105 -17.06 16.47 -5.10
N VAL B 106 -18.05 15.61 -4.83
CA VAL B 106 -19.42 16.08 -4.69
C VAL B 106 -20.18 15.10 -3.81
N GLU B 107 -21.03 15.65 -2.95
CA GLU B 107 -21.92 14.91 -2.07
C GLU B 107 -23.21 15.74 -1.94
N ILE B 108 -24.37 15.06 -1.93
CA ILE B 108 -25.65 15.75 -1.95
C ILE B 108 -26.59 15.13 -0.91
N THR B 109 -27.20 16.00 -0.10
CA THR B 109 -28.10 15.62 1.00
C THR B 109 -29.51 16.11 0.73
N VAL B 110 -30.45 15.17 0.61
CA VAL B 110 -31.81 15.48 0.19
C VAL B 110 -32.83 15.17 1.28
N VAL B 111 -33.84 16.04 1.38
CA VAL B 111 -35.08 15.80 2.10
C VAL B 111 -36.21 15.84 1.08
N ALA B 112 -37.15 14.89 1.19
CA ALA B 112 -38.21 14.76 0.19
C ALA B 112 -39.53 14.40 0.85
N ALA B 113 -40.61 14.53 0.09
CA ALA B 113 -41.95 14.20 0.55
C ALA B 113 -42.33 12.82 0.05
N ARG B 114 -42.96 12.02 0.91
CA ARG B 114 -43.49 10.72 0.46
C ARG B 114 -45.00 10.71 0.63
S SO4 C . 27.73 2.49 0.01
O1 SO4 C . 26.87 2.98 -1.13
O2 SO4 C . 27.17 1.24 0.53
O3 SO4 C . 29.12 2.37 -0.46
O4 SO4 C . 27.64 3.54 1.09
CAA TMO D . 29.03 2.94 4.45
NAC TMO D . 28.88 1.50 4.21
CAD TMO D . 27.46 1.22 4.07
CAB TMO D . 29.56 1.10 3.01
OAE TMO D . 29.39 0.77 5.30
HAA TMO D . 28.56 3.18 5.26
HAAA TMO D . 28.65 3.42 3.70
HAAB TMO D . 29.97 3.15 4.53
HAD TMO D . 27.34 0.28 3.89
HADA TMO D . 27.01 1.45 4.91
HADB TMO D . 27.10 1.75 3.35
HAB TMO D . 29.21 1.61 2.25
HABA TMO D . 30.50 1.26 3.10
HABB TMO D . 29.41 0.15 2.85
S SO4 E . -28.15 29.06 -8.35
O1 SO4 E . -28.95 29.38 -9.58
O2 SO4 E . -26.74 28.75 -8.75
O3 SO4 E . -28.18 30.23 -7.42
O4 SO4 E . -28.72 27.84 -7.72
CAA TMO F . -26.86 30.05 -4.10
NAC TMO F . -27.04 28.62 -4.08
CAD TMO F . -28.47 28.37 -4.21
CAB TMO F . -26.31 27.97 -5.15
OAE TMO F . -26.56 28.08 -2.86
HAA TMO F . -27.42 30.45 -3.42
HAAA TMO F . -27.11 30.39 -4.97
HAAB TMO F . -25.94 30.26 -3.93
HAD TMO F . -28.64 27.41 -4.20
HADA TMO F . -28.94 28.78 -3.46
HADB TMO F . -28.79 28.75 -5.04
HAB TMO F . -26.66 28.26 -6.00
HABA TMO F . -25.37 28.20 -5.10
HABB TMO F . -26.40 27.01 -5.07
#